data_7JZU
#
_entry.id   7JZU
#
loop_
_entity.id
_entity.type
_entity.pdbx_description
1 polymer LCB1
2 polymer 'Spike glycoprotein'
3 branched 2-acetamido-2-deoxy-beta-D-glucopyranose-(1-4)-[alpha-L-fucopyranose-(1-6)]2-acetamido-2-deoxy-beta-D-glucopyranose
#
loop_
_entity_poly.entity_id
_entity_poly.type
_entity_poly.pdbx_seq_one_letter_code
_entity_poly.pdbx_strand_id
1 'polypeptide(L)' GGSDKEWILQKIYEIMRLLDELGHAEASMRVSDLIYEFMKKGDERLLEEAERLLEEVERGS A
2 'polypeptide(L)'
;MFVFLVLLPLVSSQCVNLTTRTQLPPAYTNSFTRGVYYPDKVFRSSVLHSTQDLFLPFFSNVTWFHAIHVSGTNGTKRFD
NPVLPFNDGVYFASTEKSNIIRGWIFGTTLDSKTQSLLIVNNATNVVIKVCEFQFCNDPFLGVYYHKNNKSWMESEFRVY
SSANNCTFEYVSQPFLMDLEGKQGNFKNLREFVFKNIDGYFKIYSKHTPINLVRDLPQGFSALEPLVDLPIGINITRFQT
LLALHRSYLTPGDSSSGWTAGAAAYYVGYLQPRTFLLKYNENGTITDAVDCALDPLSETKCTLKSFTVEKGIYQTSNFRV
QPTESIVRFPNITNLCPFGEVFNATRFASVYAWNRKRISNCVADYSVLYNSASFSTFKCYGVSPTKLNDLCFTNVYADSF
VIRGDEVRQIAPGQTGKIADYNYKLPDDFTGCVIAWNSNNLDSKVGGNYNYLYRLFRKSNLKPFERDISTEIYQAGSTPC
NGVEGFNCYFPLQSYGFQPTNGVGYQPYRVVVLSFELLHAPATVCGPKKSTNLVKNKCVNFNFNGLTGTGVLTESNKKFL
PFQQFGRDIADTTDAVRDPQTLEILDITPCSFGGVSVITPGTNTSNQVAVLYQDVNCTEVPVAIHADQLTPTWRVYSTGS
NVFQTRAGCLIGAEHVNNSYECDIPIGAGICASYQTQTNSPGSASSVASQSIIAYTMSLGAENSVAYSNNSIAIPTNFTI
SVTTEILPVSMTKTSVDCTMYICGDSTECSNLLLQYGSFCTQLNRALTGIAVEQDKNTQEVFAQVKQIYKTPPIKDFGGF
NFSQILPDPSKPSKRSPIEDLLFNKVTLADAGFIKQYGDCLGDIAARDLICAQKFNGLTVLPPLLTDEMIAQYTSALLAG
TITSGWTFGAGPALQIPFPMQMAYRFNGIGVTQNVLYENQKLIANQFNSAIGKIQDSLSSTPSALGKLQDVVNQNAQALN
TLVKQLSSNFGAISSVLNDILSRLDPPEAEVQIDRLITGRLQSLQTYVTQQLIRAAEIRASANLAATKMSECVLGQSKRV
DFCGKGYHLMSFPQSAPHGVVFLHVTYVPAQEKNFTTAPAICHDGKAHFPREGVFVSNGTHWFVTQRNFYEPQIITTDNT
FVSGNCDVVIGIVNNTVYDPLQPELDSFKEELDKYFKNHTSPDVDLGDISGINASVVNIQKEIDRLNEVAKNLNESLIDL
QELGKYEQGSGYIPEAPRDGQAYVRKDGEWVLLSTFLGRSLEVLFQGPGHHHHHHHHSAWSHPQFEKGGGSGGGGSGGSA
WSHPQFEK
;
B
#
# COMPACT_ATOMS: atom_id res chain seq x y z
N ASP A 4 -15.70 7.36 -26.21
CA ASP A 4 -15.21 6.06 -26.69
C ASP A 4 -14.07 5.50 -25.81
N LYS A 5 -13.26 6.38 -25.21
CA LYS A 5 -12.17 6.02 -24.28
C LYS A 5 -12.70 5.17 -23.11
N GLU A 6 -13.90 5.51 -22.66
CA GLU A 6 -14.54 4.86 -21.54
C GLU A 6 -14.73 3.37 -21.76
N TRP A 7 -14.88 2.94 -23.01
CA TRP A 7 -15.08 1.54 -23.27
C TRP A 7 -13.83 0.75 -22.96
N ILE A 8 -12.68 1.38 -23.04
CA ILE A 8 -11.45 0.70 -22.75
C ILE A 8 -11.36 0.42 -21.27
N LEU A 9 -11.68 1.43 -20.48
CA LEU A 9 -11.61 1.25 -19.03
C LEU A 9 -12.52 0.13 -18.59
N GLN A 10 -13.73 0.06 -19.14
CA GLN A 10 -14.64 -0.99 -18.76
C GLN A 10 -14.09 -2.34 -19.15
N LYS A 11 -13.50 -2.47 -20.33
CA LYS A 11 -13.00 -3.76 -20.74
C LYS A 11 -11.78 -4.22 -19.93
N ILE A 12 -10.87 -3.31 -19.60
CA ILE A 12 -9.70 -3.73 -18.82
C ILE A 12 -10.18 -4.18 -17.45
N TYR A 13 -11.11 -3.42 -16.86
CA TYR A 13 -11.67 -3.72 -15.56
C TYR A 13 -12.26 -5.12 -15.55
N GLU A 14 -13.05 -5.44 -16.56
CA GLU A 14 -13.68 -6.73 -16.62
C GLU A 14 -12.67 -7.86 -16.69
N ILE A 15 -11.55 -7.63 -17.37
CA ILE A 15 -10.52 -8.66 -17.48
C ILE A 15 -9.91 -9.00 -16.13
N MET A 16 -9.55 -8.00 -15.33
CA MET A 16 -8.94 -8.35 -14.04
C MET A 16 -9.98 -8.93 -13.08
N ARG A 17 -11.24 -8.56 -13.24
CA ARG A 17 -12.25 -9.15 -12.37
C ARG A 17 -12.42 -10.62 -12.75
N LEU A 18 -12.37 -10.91 -14.04
CA LEU A 18 -12.46 -12.28 -14.50
C LEU A 18 -11.28 -13.10 -14.04
N LEU A 19 -10.08 -12.52 -14.07
CA LEU A 19 -8.90 -13.26 -13.65
C LEU A 19 -8.99 -13.66 -12.18
N ASP A 20 -9.52 -12.79 -11.33
CA ASP A 20 -9.71 -13.18 -9.92
C ASP A 20 -10.58 -14.42 -9.82
N GLU A 21 -11.61 -14.50 -10.67
CA GLU A 21 -12.55 -15.61 -10.63
C GLU A 21 -11.96 -16.91 -11.18
N LEU A 22 -10.81 -16.83 -11.82
CA LEU A 22 -10.18 -18.01 -12.40
C LEU A 22 -9.11 -18.54 -11.46
N GLY A 23 -8.91 -17.85 -10.33
CA GLY A 23 -7.88 -18.23 -9.37
C GLY A 23 -6.47 -17.80 -9.78
N HIS A 24 -6.35 -16.75 -10.58
CA HIS A 24 -5.03 -16.29 -11.02
C HIS A 24 -4.75 -14.89 -10.54
N ALA A 25 -4.40 -14.78 -9.27
CA ALA A 25 -4.22 -13.50 -8.63
C ALA A 25 -3.07 -12.71 -9.18
N GLU A 26 -1.99 -13.38 -9.55
CA GLU A 26 -0.85 -12.62 -10.03
C GLU A 26 -1.20 -11.95 -11.34
N ALA A 27 -1.90 -12.66 -12.21
CA ALA A 27 -2.31 -12.10 -13.47
C ALA A 27 -3.25 -10.93 -13.25
N SER A 28 -4.13 -11.06 -12.26
CA SER A 28 -5.08 -10.00 -11.94
C SER A 28 -4.35 -8.75 -11.49
N MET A 29 -3.36 -8.92 -10.63
CA MET A 29 -2.58 -7.80 -10.14
C MET A 29 -1.83 -7.13 -11.29
N ARG A 30 -1.33 -7.92 -12.24
CA ARG A 30 -0.63 -7.35 -13.39
C ARG A 30 -1.56 -6.48 -14.20
N VAL A 31 -2.81 -6.93 -14.39
CA VAL A 31 -3.79 -6.15 -15.14
C VAL A 31 -4.23 -4.91 -14.37
N SER A 32 -4.36 -5.01 -13.06
CA SER A 32 -4.76 -3.84 -12.29
C SER A 32 -3.83 -2.68 -12.57
N ASP A 33 -2.53 -2.97 -12.71
CA ASP A 33 -1.55 -1.93 -13.03
C ASP A 33 -1.85 -1.24 -14.36
N LEU A 34 -2.53 -1.93 -15.27
CA LEU A 34 -2.86 -1.37 -16.57
C LEU A 34 -3.99 -0.39 -16.40
N ILE A 35 -4.87 -0.65 -15.42
CA ILE A 35 -5.97 0.26 -15.16
C ILE A 35 -5.42 1.57 -14.63
N TYR A 36 -4.51 1.48 -13.67
CA TYR A 36 -3.92 2.69 -13.12
C TYR A 36 -3.22 3.48 -14.21
N GLU A 37 -2.37 2.82 -15.01
CA GLU A 37 -1.65 3.54 -16.05
C GLU A 37 -2.60 4.12 -17.09
N PHE A 38 -3.61 3.36 -17.48
CA PHE A 38 -4.56 3.82 -18.48
C PHE A 38 -5.24 5.10 -18.08
N MET A 39 -5.69 5.17 -16.85
CA MET A 39 -6.44 6.35 -16.44
C MET A 39 -5.56 7.60 -16.27
N LYS A 40 -4.26 7.45 -16.50
CA LYS A 40 -3.31 8.57 -16.45
C LYS A 40 -2.78 8.93 -17.85
N LYS A 41 -3.15 8.15 -18.85
CA LYS A 41 -2.58 8.31 -20.20
C LYS A 41 -3.59 8.15 -21.32
N GLY A 42 -3.15 8.49 -22.53
CA GLY A 42 -3.94 8.32 -23.76
C GLY A 42 -3.52 7.05 -24.50
N ASP A 43 -2.78 6.17 -23.83
CA ASP A 43 -2.25 4.96 -24.44
C ASP A 43 -3.27 3.81 -24.36
N GLU A 44 -3.81 3.45 -25.51
CA GLU A 44 -4.87 2.46 -25.60
C GLU A 44 -4.35 1.04 -25.82
N ARG A 45 -3.03 0.87 -25.91
CA ARG A 45 -2.45 -0.45 -26.16
C ARG A 45 -2.50 -1.30 -24.91
N LEU A 46 -2.83 -0.66 -23.80
CA LEU A 46 -2.95 -1.34 -22.53
C LEU A 46 -4.11 -2.32 -22.60
N LEU A 47 -5.11 -2.03 -23.42
CA LEU A 47 -6.21 -2.96 -23.53
C LEU A 47 -5.73 -4.24 -24.17
N GLU A 48 -4.91 -4.10 -25.22
CA GLU A 48 -4.42 -5.27 -25.92
C GLU A 48 -3.56 -6.11 -25.00
N GLU A 49 -2.76 -5.46 -24.15
CA GLU A 49 -1.94 -6.21 -23.20
C GLU A 49 -2.81 -6.99 -22.21
N ALA A 50 -3.85 -6.35 -21.69
CA ALA A 50 -4.73 -7.04 -20.75
C ALA A 50 -5.38 -8.24 -21.41
N GLU A 51 -5.77 -8.08 -22.66
CA GLU A 51 -6.40 -9.17 -23.39
C GLU A 51 -5.41 -10.31 -23.62
N ARG A 52 -4.16 -9.98 -23.93
CA ARG A 52 -3.15 -11.01 -24.13
C ARG A 52 -2.87 -11.77 -22.83
N LEU A 53 -2.85 -11.07 -21.70
CA LEU A 53 -2.62 -11.73 -20.42
C LEU A 53 -3.73 -12.71 -20.12
N LEU A 54 -4.97 -12.33 -20.45
CA LEU A 54 -6.09 -13.22 -20.24
C LEU A 54 -5.96 -14.46 -21.11
N GLU A 55 -5.58 -14.28 -22.36
CA GLU A 55 -5.44 -15.42 -23.26
C GLU A 55 -4.38 -16.40 -22.79
N GLU A 56 -3.28 -15.89 -22.23
CA GLU A 56 -2.23 -16.76 -21.73
C GLU A 56 -2.70 -17.54 -20.51
N VAL A 57 -3.46 -16.88 -19.64
CA VAL A 57 -4.02 -17.54 -18.46
C VAL A 57 -5.02 -18.66 -18.81
N GLU A 58 -5.94 -18.39 -19.75
CA GLU A 58 -6.94 -19.35 -20.21
C GLU A 58 -6.30 -20.39 -21.11
N ASN B 334 10.90 1.26 30.84
CA ASN B 334 9.68 1.61 30.13
C ASN B 334 9.98 1.77 28.63
N LEU B 335 10.10 0.64 27.93
CA LEU B 335 10.39 0.59 26.50
C LEU B 335 9.14 0.81 25.65
N CYS B 336 9.32 1.40 24.44
CA CYS B 336 8.27 1.63 23.47
C CYS B 336 7.74 0.32 22.91
N PRO B 337 6.43 0.22 22.68
CA PRO B 337 5.71 -0.95 22.23
C PRO B 337 5.94 -1.24 20.76
N PHE B 338 7.17 -1.54 20.39
CA PHE B 338 7.44 -1.89 19.00
C PHE B 338 6.90 -3.27 18.72
N GLY B 339 6.87 -4.12 19.73
CA GLY B 339 6.35 -5.47 19.54
C GLY B 339 4.90 -5.43 19.07
N GLU B 340 4.15 -4.42 19.51
CA GLU B 340 2.74 -4.28 19.16
C GLU B 340 2.54 -3.76 17.75
N VAL B 341 3.63 -3.31 17.14
CA VAL B 341 3.59 -2.74 15.81
C VAL B 341 4.14 -3.71 14.79
N PHE B 342 5.31 -4.27 15.08
CA PHE B 342 6.00 -5.17 14.17
C PHE B 342 5.57 -6.64 14.27
N ASN B 343 5.09 -7.08 15.45
CA ASN B 343 4.66 -8.46 15.68
C ASN B 343 3.14 -8.55 15.87
N ALA B 344 2.38 -7.61 15.30
CA ALA B 344 0.92 -7.61 15.34
C ALA B 344 0.38 -8.82 14.59
N THR B 345 -0.69 -9.42 15.11
CA THR B 345 -1.27 -10.58 14.46
C THR B 345 -1.77 -10.23 13.08
N ARG B 346 -2.43 -9.10 12.98
CA ARG B 346 -3.02 -8.68 11.72
C ARG B 346 -2.69 -7.24 11.39
N PHE B 347 -2.31 -7.00 10.15
CA PHE B 347 -2.03 -5.69 9.62
C PHE B 347 -3.21 -5.12 8.88
N ALA B 348 -3.26 -3.81 8.80
CA ALA B 348 -4.32 -3.13 8.09
C ALA B 348 -4.12 -3.17 6.58
N SER B 349 -5.22 -3.03 5.88
CA SER B 349 -5.20 -2.84 4.45
C SER B 349 -4.54 -1.53 4.15
N VAL B 350 -3.88 -1.41 3.01
CA VAL B 350 -3.20 -0.17 2.71
C VAL B 350 -4.14 1.01 2.55
N TYR B 351 -5.36 0.77 2.08
CA TYR B 351 -6.30 1.87 1.90
C TYR B 351 -6.74 2.46 3.22
N ALA B 352 -6.57 1.71 4.30
CA ALA B 352 -7.00 2.10 5.63
C ALA B 352 -5.90 1.83 6.62
N TRP B 353 -4.78 2.48 6.41
CA TRP B 353 -3.58 2.20 7.19
C TRP B 353 -3.78 2.52 8.66
N ASN B 354 -3.18 1.73 9.53
CA ASN B 354 -3.35 1.87 10.96
C ASN B 354 -2.25 2.67 11.62
N ARG B 355 -2.62 3.75 12.30
CA ARG B 355 -1.63 4.60 12.95
C ARG B 355 -1.55 4.42 14.46
N LYS B 356 -0.42 3.91 14.91
CA LYS B 356 -0.17 3.69 16.33
C LYS B 356 0.67 4.82 16.90
N ARG B 357 0.21 5.42 17.98
CA ARG B 357 0.98 6.48 18.61
C ARG B 357 1.94 5.94 19.63
N ILE B 358 3.21 6.29 19.48
CA ILE B 358 4.26 5.91 20.39
C ILE B 358 4.70 7.12 21.18
N SER B 359 4.56 7.05 22.50
CA SER B 359 4.88 8.18 23.37
C SER B 359 5.23 7.73 24.77
N ASN B 360 5.85 8.64 25.52
CA ASN B 360 6.19 8.42 26.93
C ASN B 360 6.93 7.11 27.15
N CYS B 361 8.01 6.89 26.37
CA CYS B 361 8.76 5.63 26.38
C CYS B 361 10.16 5.74 25.84
N VAL B 362 10.92 4.66 26.01
CA VAL B 362 12.26 4.53 25.47
C VAL B 362 12.27 3.62 24.25
N ALA B 363 12.64 4.19 23.12
CA ALA B 363 12.61 3.50 21.85
C ALA B 363 13.94 2.87 21.53
N ASP B 364 14.06 1.57 21.75
CA ASP B 364 15.33 0.93 21.50
C ASP B 364 15.41 0.54 20.04
N TYR B 365 15.80 1.49 19.21
CA TYR B 365 15.79 1.34 17.76
C TYR B 365 16.81 0.34 17.26
N SER B 366 17.80 0.01 18.08
CA SER B 366 18.85 -0.92 17.69
C SER B 366 18.30 -2.32 17.51
N VAL B 367 17.15 -2.57 18.12
CA VAL B 367 16.50 -3.85 18.03
C VAL B 367 15.98 -4.07 16.63
N LEU B 368 15.43 -3.02 16.06
CA LEU B 368 14.86 -3.11 14.74
C LEU B 368 15.94 -3.10 13.68
N TYR B 369 16.88 -2.18 13.80
CA TYR B 369 17.88 -2.04 12.77
C TYR B 369 18.76 -3.27 12.62
N ASN B 370 19.14 -3.87 13.73
CA ASN B 370 20.05 -5.00 13.67
C ASN B 370 19.34 -6.34 13.68
N SER B 371 18.01 -6.35 13.47
CA SER B 371 17.28 -7.62 13.49
C SER B 371 17.62 -8.50 12.29
N ALA B 372 17.99 -7.86 11.19
CA ALA B 372 18.33 -8.55 9.94
C ALA B 372 17.16 -9.38 9.41
N SER B 373 15.95 -9.04 9.82
CA SER B 373 14.75 -9.72 9.34
C SER B 373 13.97 -8.83 8.39
N PHE B 374 14.47 -7.62 8.16
CA PHE B 374 13.78 -6.67 7.31
C PHE B 374 14.48 -6.62 5.95
N SER B 375 13.70 -6.51 4.88
CA SER B 375 14.31 -6.42 3.57
C SER B 375 14.61 -4.97 3.24
N THR B 376 13.79 -4.09 3.80
CA THR B 376 13.91 -2.67 3.59
C THR B 376 13.98 -1.95 4.91
N PHE B 377 14.95 -1.06 5.03
CA PHE B 377 15.05 -0.21 6.20
C PHE B 377 15.66 1.09 5.74
N LYS B 378 14.82 1.98 5.21
CA LYS B 378 15.32 3.21 4.63
C LYS B 378 14.86 4.41 5.44
N CYS B 379 15.81 5.23 5.90
CA CYS B 379 15.50 6.41 6.70
C CYS B 379 15.68 7.68 5.90
N TYR B 380 14.81 8.64 6.17
CA TYR B 380 14.81 9.93 5.52
C TYR B 380 14.97 11.01 6.56
N GLY B 381 15.98 11.86 6.38
CA GLY B 381 16.24 12.96 7.29
C GLY B 381 17.06 12.54 8.50
N VAL B 382 17.35 11.24 8.59
CA VAL B 382 18.10 10.70 9.71
C VAL B 382 18.76 9.40 9.29
N SER B 383 19.94 9.11 9.83
CA SER B 383 20.54 7.81 9.55
C SER B 383 20.06 6.85 10.64
N PRO B 384 19.83 5.58 10.33
CA PRO B 384 19.32 4.59 11.26
C PRO B 384 20.27 4.34 12.42
N THR B 385 21.54 4.61 12.21
CA THR B 385 22.54 4.33 13.22
C THR B 385 22.63 5.40 14.29
N LYS B 386 21.91 6.51 14.09
CA LYS B 386 21.90 7.57 15.07
C LYS B 386 20.57 7.71 15.76
N LEU B 387 19.63 6.79 15.48
CA LEU B 387 18.31 6.92 16.08
C LEU B 387 18.36 6.78 17.59
N ASN B 388 19.30 6.00 18.08
CA ASN B 388 19.42 5.74 19.51
C ASN B 388 19.85 6.97 20.29
N ASP B 389 20.37 7.97 19.60
CA ASP B 389 20.87 9.15 20.28
C ASP B 389 19.91 10.34 20.18
N LEU B 390 18.73 10.13 19.59
CA LEU B 390 17.80 11.22 19.38
C LEU B 390 16.50 11.07 20.17
N CYS B 391 15.91 12.21 20.58
CA CYS B 391 14.58 12.25 21.18
C CYS B 391 13.59 12.91 20.22
N PHE B 392 12.35 12.44 20.26
CA PHE B 392 11.30 12.91 19.38
C PHE B 392 10.08 13.33 20.20
N THR B 393 9.27 14.21 19.65
CA THR B 393 8.07 14.63 20.33
C THR B 393 7.09 13.49 20.41
N ASN B 394 6.74 12.94 19.25
CA ASN B 394 5.90 11.78 19.11
C ASN B 394 6.41 10.94 17.96
N VAL B 395 6.19 9.65 18.03
CA VAL B 395 6.49 8.79 16.90
C VAL B 395 5.23 8.08 16.47
N TYR B 396 4.92 8.16 15.19
CA TYR B 396 3.72 7.50 14.72
C TYR B 396 4.06 6.36 13.80
N ALA B 397 3.57 5.18 14.12
CA ALA B 397 3.87 4.02 13.32
C ALA B 397 2.68 3.63 12.47
N ASP B 398 2.79 3.83 11.16
CA ASP B 398 1.72 3.51 10.23
C ASP B 398 1.93 2.13 9.63
N SER B 399 1.05 1.18 9.96
CA SER B 399 1.27 -0.17 9.47
C SER B 399 0.22 -0.61 8.45
N PHE B 400 0.69 -1.32 7.43
CA PHE B 400 -0.16 -1.83 6.36
C PHE B 400 0.50 -2.92 5.51
N VAL B 401 -0.30 -3.61 4.70
CA VAL B 401 0.24 -4.58 3.75
C VAL B 401 0.03 -4.22 2.29
N ILE B 402 1.13 -4.28 1.53
CA ILE B 402 1.18 -4.02 0.09
C ILE B 402 1.94 -5.14 -0.60
N ARG B 403 2.03 -5.10 -1.94
CA ARG B 403 2.80 -6.16 -2.60
C ARG B 403 4.25 -5.71 -2.76
N GLY B 404 5.14 -6.67 -3.01
CA GLY B 404 6.57 -6.39 -3.18
C GLY B 404 6.92 -5.25 -4.12
N ASP B 405 6.36 -5.26 -5.32
CA ASP B 405 6.68 -4.22 -6.31
C ASP B 405 6.22 -2.82 -5.91
N GLU B 406 5.37 -2.71 -4.89
CA GLU B 406 4.87 -1.42 -4.43
C GLU B 406 5.66 -0.86 -3.28
N VAL B 407 6.64 -1.61 -2.79
CA VAL B 407 7.39 -1.15 -1.64
C VAL B 407 8.13 0.14 -1.96
N ARG B 408 8.58 0.28 -3.20
CA ARG B 408 9.30 1.48 -3.59
C ARG B 408 8.42 2.72 -3.60
N GLN B 409 7.10 2.57 -3.52
CA GLN B 409 6.21 3.71 -3.53
C GLN B 409 6.06 4.29 -2.14
N ILE B 410 6.54 3.58 -1.14
CA ILE B 410 6.43 4.11 0.20
C ILE B 410 7.68 4.93 0.43
N ALA B 411 7.70 6.09 -0.19
CA ALA B 411 8.83 6.99 -0.13
C ALA B 411 8.37 8.38 -0.55
N PRO B 412 9.01 9.43 -0.04
CA PRO B 412 8.83 10.80 -0.44
C PRO B 412 9.12 10.97 -1.91
N GLY B 413 8.30 11.75 -2.59
CA GLY B 413 8.53 12.06 -4.00
C GLY B 413 8.04 11.01 -4.97
N GLN B 414 7.47 9.91 -4.48
CA GLN B 414 7.02 8.86 -5.38
C GLN B 414 5.56 8.96 -5.76
N THR B 415 5.22 8.33 -6.88
CA THR B 415 3.86 8.25 -7.42
C THR B 415 3.50 6.79 -7.71
N GLY B 416 2.23 6.53 -7.97
CA GLY B 416 1.77 5.17 -8.25
C GLY B 416 0.44 4.95 -7.57
N LYS B 417 -0.18 3.79 -7.74
CA LYS B 417 -1.52 3.68 -7.16
C LYS B 417 -1.50 3.75 -5.64
N ILE B 418 -0.38 3.40 -5.00
CA ILE B 418 -0.36 3.47 -3.55
C ILE B 418 0.02 4.86 -3.14
N ALA B 419 1.08 5.37 -3.72
CA ALA B 419 1.52 6.70 -3.37
C ALA B 419 0.43 7.75 -3.63
N ASP B 420 -0.38 7.55 -4.67
CA ASP B 420 -1.41 8.52 -5.00
C ASP B 420 -2.77 8.26 -4.35
N TYR B 421 -3.20 7.00 -4.21
CA TYR B 421 -4.55 6.78 -3.72
C TYR B 421 -4.68 6.10 -2.36
N ASN B 422 -3.59 5.59 -1.79
CA ASN B 422 -3.70 4.88 -0.52
C ASN B 422 -2.87 5.46 0.60
N TYR B 423 -1.61 5.78 0.33
CA TYR B 423 -0.70 6.23 1.37
C TYR B 423 0.40 7.11 0.82
N LYS B 424 0.24 8.41 1.03
CA LYS B 424 1.17 9.39 0.50
C LYS B 424 2.12 9.92 1.58
N LEU B 425 3.42 9.89 1.31
CA LEU B 425 4.38 10.50 2.21
C LEU B 425 4.82 11.83 1.62
N PRO B 426 4.96 12.87 2.45
CA PRO B 426 5.34 14.22 2.08
C PRO B 426 6.80 14.28 1.62
N ASP B 427 7.11 15.27 0.81
CA ASP B 427 8.46 15.46 0.30
C ASP B 427 9.48 15.76 1.40
N ASP B 428 9.02 16.35 2.49
CA ASP B 428 9.89 16.69 3.62
C ASP B 428 9.74 15.70 4.77
N PHE B 429 9.29 14.48 4.46
CA PHE B 429 9.14 13.44 5.44
C PHE B 429 10.40 13.10 6.21
N THR B 430 10.26 13.00 7.53
CA THR B 430 11.34 12.57 8.39
C THR B 430 10.85 11.32 9.09
N GLY B 431 11.61 10.26 8.97
CA GLY B 431 11.19 8.99 9.52
C GLY B 431 11.87 7.83 8.82
N CYS B 432 11.47 6.60 9.17
CA CYS B 432 12.05 5.38 8.61
C CYS B 432 10.98 4.44 8.07
N VAL B 433 11.22 3.90 6.89
CA VAL B 433 10.32 2.95 6.26
C VAL B 433 10.90 1.56 6.36
N ILE B 434 10.19 0.69 7.04
CA ILE B 434 10.65 -0.66 7.28
C ILE B 434 9.71 -1.66 6.67
N ALA B 435 10.23 -2.62 5.90
CA ALA B 435 9.34 -3.60 5.30
C ALA B 435 9.96 -4.98 5.28
N TRP B 436 9.10 -5.99 5.37
CA TRP B 436 9.58 -7.36 5.30
C TRP B 436 8.59 -8.28 4.63
N ASN B 437 9.10 -9.35 4.06
CA ASN B 437 8.30 -10.33 3.36
C ASN B 437 7.45 -11.12 4.33
N SER B 438 6.16 -11.23 4.03
CA SER B 438 5.23 -11.95 4.89
C SER B 438 4.51 -13.05 4.12
N ASN B 439 5.20 -13.66 3.16
CA ASN B 439 4.58 -14.69 2.33
C ASN B 439 4.17 -15.90 3.15
N ASN B 440 4.75 -16.07 4.33
CA ASN B 440 4.40 -17.20 5.19
C ASN B 440 3.39 -16.82 6.26
N LEU B 441 2.87 -15.60 6.21
CA LEU B 441 1.89 -15.13 7.19
C LEU B 441 0.62 -14.65 6.52
N ASP B 442 0.77 -13.81 5.50
CA ASP B 442 -0.35 -13.16 4.84
C ASP B 442 -0.78 -13.82 3.54
N SER B 443 -0.23 -14.98 3.23
CA SER B 443 -0.62 -15.69 2.01
C SER B 443 -1.28 -16.98 2.40
N LYS B 444 -2.27 -17.37 1.62
CA LYS B 444 -3.03 -18.59 1.89
C LYS B 444 -3.18 -19.41 0.63
N VAL B 445 -3.37 -20.72 0.78
CA VAL B 445 -3.58 -21.53 -0.39
C VAL B 445 -4.92 -21.16 -0.98
N GLY B 446 -4.92 -20.82 -2.25
CA GLY B 446 -6.12 -20.39 -2.95
C GLY B 446 -6.19 -18.86 -3.01
N GLY B 447 -5.39 -18.19 -2.18
CA GLY B 447 -5.31 -16.74 -2.15
C GLY B 447 -5.97 -16.09 -0.94
N ASN B 448 -5.25 -15.15 -0.35
CA ASN B 448 -5.74 -14.34 0.75
C ASN B 448 -6.28 -13.04 0.20
N TYR B 449 -7.60 -12.87 0.23
CA TYR B 449 -8.23 -11.70 -0.37
C TYR B 449 -8.69 -10.70 0.68
N ASN B 450 -8.19 -10.84 1.90
CA ASN B 450 -8.56 -9.96 2.98
C ASN B 450 -7.98 -8.56 2.87
N TYR B 451 -6.84 -8.42 2.19
CA TYR B 451 -6.20 -7.11 2.09
C TYR B 451 -6.68 -6.35 0.86
N LEU B 452 -7.05 -5.08 1.08
CA LEU B 452 -7.56 -4.24 0.00
C LEU B 452 -6.73 -2.99 -0.26
N TYR B 453 -6.77 -2.54 -1.50
CA TYR B 453 -6.17 -1.26 -1.87
C TYR B 453 -7.17 -0.47 -2.69
N ARG B 454 -7.02 0.84 -2.68
CA ARG B 454 -7.85 1.70 -3.48
C ARG B 454 -7.26 1.87 -4.86
N LEU B 455 -8.07 1.60 -5.86
CA LEU B 455 -7.68 1.71 -7.24
C LEU B 455 -8.25 2.97 -7.86
N PHE B 456 -9.44 3.35 -7.44
CA PHE B 456 -10.11 4.51 -8.03
C PHE B 456 -10.37 5.63 -7.04
N ARG B 457 -9.99 6.85 -7.41
CA ARG B 457 -10.27 8.02 -6.58
C ARG B 457 -10.36 9.26 -7.46
N LYS B 458 -11.12 10.25 -7.01
CA LYS B 458 -11.27 11.51 -7.73
C LYS B 458 -9.96 12.30 -7.88
N SER B 459 -9.12 12.23 -6.85
CA SER B 459 -7.89 13.00 -6.84
C SER B 459 -6.83 12.33 -5.97
N ASN B 460 -5.61 12.85 -6.04
CA ASN B 460 -4.50 12.31 -5.25
C ASN B 460 -4.64 12.70 -3.79
N LEU B 461 -4.17 11.82 -2.90
CA LEU B 461 -4.20 12.08 -1.47
C LEU B 461 -3.18 13.11 -1.01
N LYS B 462 -3.54 13.83 0.03
CA LYS B 462 -2.59 14.71 0.68
C LYS B 462 -1.70 13.82 1.54
N PRO B 463 -0.50 14.25 1.89
CA PRO B 463 0.40 13.52 2.76
C PRO B 463 -0.30 13.13 4.04
N PHE B 464 -0.15 11.86 4.39
CA PHE B 464 -0.74 11.25 5.58
C PHE B 464 -2.25 11.35 5.65
N GLU B 465 -2.91 11.49 4.50
CA GLU B 465 -4.36 11.46 4.47
C GLU B 465 -4.83 10.02 4.42
N ARG B 466 -5.90 9.72 5.14
CA ARG B 466 -6.49 8.39 5.11
C ARG B 466 -7.91 8.45 4.58
N ASP B 467 -8.15 7.87 3.42
CA ASP B 467 -9.48 7.90 2.83
C ASP B 467 -10.09 6.51 2.81
N ILE B 468 -11.11 6.31 3.64
CA ILE B 468 -11.73 5.00 3.76
C ILE B 468 -13.17 4.99 3.30
N SER B 469 -13.54 5.96 2.48
CA SER B 469 -14.87 5.99 1.90
C SER B 469 -15.05 4.83 0.93
N THR B 470 -16.25 4.27 0.91
CA THR B 470 -16.55 3.16 0.02
C THR B 470 -17.55 3.56 -1.06
N GLU B 471 -17.74 4.86 -1.22
CA GLU B 471 -18.67 5.37 -2.22
C GLU B 471 -18.20 4.98 -3.63
N ILE B 472 -19.14 4.53 -4.44
CA ILE B 472 -18.83 4.07 -5.80
C ILE B 472 -18.28 5.19 -6.65
N TYR B 473 -17.17 4.91 -7.31
CA TYR B 473 -16.46 5.85 -8.13
C TYR B 473 -17.10 6.03 -9.49
N GLN B 474 -17.29 7.27 -9.89
CA GLN B 474 -17.82 7.58 -11.21
C GLN B 474 -16.68 7.85 -12.18
N ALA B 475 -16.45 6.93 -13.10
CA ALA B 475 -15.37 7.07 -14.05
C ALA B 475 -15.85 7.73 -15.32
N GLY B 476 -17.11 7.46 -15.67
CA GLY B 476 -17.68 7.93 -16.92
C GLY B 476 -18.54 9.17 -16.77
N SER B 477 -19.28 9.49 -17.83
CA SER B 477 -20.10 10.69 -17.87
C SER B 477 -21.42 10.54 -17.13
N THR B 478 -21.89 9.31 -16.94
CA THR B 478 -23.17 9.14 -16.28
C THR B 478 -23.00 9.13 -14.77
N PRO B 479 -23.97 9.64 -14.00
CA PRO B 479 -24.09 9.50 -12.57
C PRO B 479 -24.22 8.03 -12.22
N CYS B 480 -23.68 7.63 -11.06
CA CYS B 480 -23.76 6.25 -10.60
C CYS B 480 -24.97 6.08 -9.69
N ASN B 481 -25.25 7.08 -8.87
CA ASN B 481 -26.35 7.05 -7.93
C ASN B 481 -26.36 5.79 -7.06
N GLY B 482 -25.18 5.36 -6.63
CA GLY B 482 -25.06 4.21 -5.74
C GLY B 482 -25.07 2.86 -6.46
N VAL B 483 -25.07 2.86 -7.79
CA VAL B 483 -25.13 1.61 -8.53
C VAL B 483 -23.88 1.37 -9.39
N GLU B 484 -23.27 0.21 -9.21
CA GLU B 484 -22.10 -0.14 -10.02
C GLU B 484 -22.55 -0.55 -11.41
N GLY B 485 -21.68 -0.41 -12.39
CA GLY B 485 -22.05 -0.74 -13.75
C GLY B 485 -21.07 -0.13 -14.74
N PHE B 486 -21.58 0.24 -15.91
CA PHE B 486 -20.69 0.79 -16.93
C PHE B 486 -20.07 2.09 -16.44
N ASN B 487 -18.75 2.05 -16.28
CA ASN B 487 -17.96 3.16 -15.78
C ASN B 487 -18.31 3.64 -14.35
N CYS B 488 -18.74 2.71 -13.49
CA CYS B 488 -19.03 2.95 -12.07
C CYS B 488 -18.44 1.78 -11.30
N TYR B 489 -17.49 2.04 -10.41
CA TYR B 489 -16.81 0.93 -9.78
C TYR B 489 -16.66 1.07 -8.29
N PHE B 490 -16.75 -0.05 -7.58
CA PHE B 490 -16.39 -0.04 -6.18
C PHE B 490 -14.89 0.29 -6.14
N PRO B 491 -14.46 1.30 -5.39
CA PRO B 491 -13.12 1.85 -5.40
C PRO B 491 -12.02 0.93 -4.91
N LEU B 492 -12.38 -0.10 -4.16
CA LEU B 492 -11.37 -0.99 -3.59
C LEU B 492 -11.27 -2.31 -4.34
N GLN B 493 -10.05 -2.81 -4.41
CA GLN B 493 -9.73 -4.08 -5.06
C GLN B 493 -8.80 -4.89 -4.19
N SER B 494 -9.08 -6.17 -4.03
CA SER B 494 -8.24 -7.01 -3.20
C SER B 494 -6.92 -7.40 -3.84
N TYR B 495 -5.97 -7.74 -2.98
CA TYR B 495 -4.71 -8.32 -3.39
C TYR B 495 -4.82 -9.83 -3.22
N GLY B 496 -4.81 -10.57 -4.29
CA GLY B 496 -4.92 -12.01 -4.13
C GLY B 496 -3.58 -12.60 -3.75
N PHE B 497 -3.24 -12.60 -2.48
CA PHE B 497 -1.92 -13.09 -2.12
C PHE B 497 -1.88 -14.60 -2.00
N GLN B 498 -1.19 -15.24 -2.93
CA GLN B 498 -1.08 -16.69 -2.98
C GLN B 498 0.38 -17.05 -2.69
N PRO B 499 0.65 -18.19 -2.07
CA PRO B 499 1.96 -18.65 -1.68
C PRO B 499 2.89 -18.90 -2.85
N THR B 500 2.32 -19.06 -4.04
CA THR B 500 3.09 -19.37 -5.23
C THR B 500 3.31 -18.17 -6.11
N ASN B 501 2.94 -16.98 -5.63
CA ASN B 501 3.14 -15.79 -6.44
C ASN B 501 4.63 -15.44 -6.53
N GLY B 502 5.01 -14.80 -7.64
CA GLY B 502 6.39 -14.38 -7.79
C GLY B 502 6.70 -13.30 -6.78
N VAL B 503 7.97 -12.97 -6.61
CA VAL B 503 8.38 -12.07 -5.52
C VAL B 503 7.71 -10.72 -5.54
N GLY B 504 7.55 -10.14 -6.72
CA GLY B 504 6.96 -8.81 -6.81
C GLY B 504 5.50 -8.80 -6.39
N TYR B 505 4.90 -9.98 -6.32
CA TYR B 505 3.50 -10.11 -6.00
C TYR B 505 3.28 -10.74 -4.63
N GLN B 506 4.35 -10.94 -3.88
CA GLN B 506 4.23 -11.47 -2.53
C GLN B 506 3.88 -10.31 -1.62
N PRO B 507 3.19 -10.54 -0.53
CA PRO B 507 2.85 -9.54 0.46
C PRO B 507 4.05 -9.09 1.24
N TYR B 508 4.09 -7.80 1.53
CA TYR B 508 5.07 -7.20 2.40
C TYR B 508 4.41 -6.40 3.49
N ARG B 509 4.87 -6.62 4.70
CA ARG B 509 4.36 -5.87 5.82
C ARG B 509 5.20 -4.62 5.97
N VAL B 510 4.54 -3.48 5.95
CA VAL B 510 5.23 -2.22 5.98
C VAL B 510 4.89 -1.42 7.20
N VAL B 511 5.90 -0.94 7.88
CA VAL B 511 5.72 -0.05 8.99
C VAL B 511 6.49 1.23 8.75
N VAL B 512 5.79 2.35 8.76
CA VAL B 512 6.45 3.62 8.57
C VAL B 512 6.50 4.37 9.87
N LEU B 513 7.69 4.69 10.34
CA LEU B 513 7.84 5.41 11.58
C LEU B 513 8.07 6.87 11.29
N SER B 514 7.05 7.68 11.53
CA SER B 514 7.10 9.10 11.28
C SER B 514 7.60 9.79 12.55
N PHE B 515 8.65 10.57 12.41
CA PHE B 515 9.25 11.19 13.57
C PHE B 515 8.93 12.66 13.68
N GLU B 516 8.18 13.03 14.71
CA GLU B 516 7.85 14.43 14.88
C GLU B 516 9.03 15.03 15.62
N LEU B 517 9.82 15.80 14.89
CA LEU B 517 11.06 16.32 15.44
C LEU B 517 10.95 17.82 15.66
N LEU B 518 9.72 18.29 15.68
CA LEU B 518 9.45 19.69 15.98
C LEU B 518 9.61 19.79 17.48
N HIS B 519 10.43 20.72 17.94
CA HIS B 519 10.79 20.71 19.35
C HIS B 519 9.61 20.93 20.29
N ALA B 520 9.63 20.15 21.36
CA ALA B 520 8.61 20.06 22.37
C ALA B 520 9.26 19.29 23.53
N PRO B 521 8.59 19.00 24.65
CA PRO B 521 9.14 18.28 25.79
C PRO B 521 9.83 16.96 25.44
N ALA B 522 9.46 16.35 24.31
CA ALA B 522 10.04 15.10 23.81
C ALA B 522 9.68 13.90 24.67
N THR B 523 8.68 13.13 24.25
CA THR B 523 8.27 12.00 25.06
C THR B 523 8.90 10.67 24.63
N VAL B 524 9.52 10.60 23.44
CA VAL B 524 10.15 9.36 23.00
C VAL B 524 11.66 9.54 22.89
N CYS B 525 12.45 8.78 23.67
CA CYS B 525 13.93 8.89 23.69
C CYS B 525 14.60 7.56 23.47
N GLY B 526 15.86 7.59 23.09
CA GLY B 526 16.60 6.36 22.84
C GLY B 526 17.04 5.71 24.17
#